data_3WKI
#
_entry.id   3WKI
#
_cell.length_a   41.675
_cell.length_b   87.216
_cell.length_c   93.541
_cell.angle_alpha   90.00
_cell.angle_beta   90.00
_cell.angle_gamma   90.00
#
_symmetry.space_group_name_H-M   'P 21 21 21'
#
loop_
_entity.id
_entity.type
_entity.pdbx_description
1 polymer 'Cellobiose 2-epimerase'
2 branched beta-D-glucopyranose-(1-4)-D-glucose
3 non-polymer 'CHLORIDE ION'
4 non-polymer 'PHOSPHATE ION'
5 water water
#
_entity_poly.entity_id   1
_entity_poly.type   'polypeptide(L)'
_entity_poly.pdbx_seq_one_letter_code
;MSTETIPDVRRLRALQAEVHEELTENILKFWATRTHDPVHGGFVGRVGPDGRPHPEAPRGAILNARILWTFAAAYRQLGT
PLYREMAERAYRYFVRHFVDAEHGGVYWMVAADGRPLDTRKHVYAQSFAIYALSEWHRATGGEAALALARSIYDLIETHC
ADRVHGGYVEACDRAWRPLEDARLSAKDAPEPRSMNTHLHVLEAYANLYRVWPETELAARLQALIELFLRAIYHPATGHL
ILFFDERWRPRSRAVSFGHDIEASWLLLEAVDVLGQATLRPRVQQASLHLARATLAEGRAPDGSLYYEIGEQGHLDTDRH
WWPQAEALVGFLNAYQESGEVLFYEAAEDVWRYIRERQRDTRGGEWFARVRDDGAPYPDDKVDFWKGPYHNGRACLEAIQ
RLRHLLEHVRSR
;
_entity_poly.pdbx_strand_id   A
#
# COMPACT_ATOMS: atom_id res chain seq x y z
N THR A 3 -30.82 -15.38 -3.71
CA THR A 3 -29.88 -15.89 -4.72
C THR A 3 -28.44 -15.61 -4.35
N GLU A 4 -28.20 -15.36 -3.06
CA GLU A 4 -26.84 -15.12 -2.60
C GLU A 4 -26.06 -16.44 -2.51
N THR A 5 -24.95 -16.51 -3.25
CA THR A 5 -24.05 -17.65 -3.12
C THR A 5 -22.92 -17.28 -2.17
N ILE A 6 -22.97 -17.80 -0.95
CA ILE A 6 -22.02 -17.43 0.08
C ILE A 6 -21.44 -18.69 0.73
N PRO A 7 -20.12 -18.68 0.97
CA PRO A 7 -19.49 -19.80 1.68
C PRO A 7 -20.15 -19.95 3.04
N ASP A 8 -20.25 -21.18 3.54
CA ASP A 8 -20.91 -21.34 4.83
C ASP A 8 -20.09 -20.68 5.92
N VAL A 9 -20.73 -20.53 7.08
CA VAL A 9 -20.15 -19.84 8.20
C VAL A 9 -18.82 -20.46 8.63
N ARG A 10 -18.72 -21.78 8.56
CA ARG A 10 -17.52 -22.47 9.01
C ARG A 10 -16.30 -22.06 8.22
N ARG A 11 -16.45 -21.98 6.90
CA ARG A 11 -15.34 -21.61 6.04
C ARG A 11 -14.99 -20.14 6.19
N LEU A 12 -16.00 -19.29 6.26
CA LEU A 12 -15.79 -17.86 6.49
C LEU A 12 -15.03 -17.61 7.78
N ARG A 13 -15.49 -18.24 8.87
CA ARG A 13 -14.87 -18.11 10.19
C ARG A 13 -13.48 -18.76 10.24
N ALA A 14 -13.35 -19.92 9.59
CA ALA A 14 -12.05 -20.60 9.56
C ALA A 14 -11.01 -19.72 8.93
N LEU A 15 -11.34 -19.13 7.80
CA LEU A 15 -10.42 -18.22 7.12
C LEU A 15 -10.11 -17.00 7.98
N GLN A 16 -11.13 -16.43 8.59
CA GLN A 16 -10.94 -15.21 9.37
C GLN A 16 -9.98 -15.45 10.54
N ALA A 17 -10.08 -16.64 11.15
CA ALA A 17 -9.23 -17.01 12.27
C ALA A 17 -7.78 -17.19 11.86
N GLU A 18 -7.56 -17.84 10.72
CA GLU A 18 -6.19 -17.99 10.22
C GLU A 18 -5.59 -16.63 9.93
N VAL A 19 -6.38 -15.76 9.31
CA VAL A 19 -5.92 -14.41 9.02
C VAL A 19 -5.56 -13.67 10.31
N HIS A 20 -6.45 -13.73 11.29
CA HIS A 20 -6.22 -13.04 12.55
C HIS A 20 -4.95 -13.57 13.21
N GLU A 21 -4.81 -14.89 13.17
CA GLU A 21 -3.65 -15.59 13.73
C GLU A 21 -2.38 -15.16 13.04
N GLU A 22 -2.45 -15.04 11.72
CA GLU A 22 -1.28 -14.67 10.92
C GLU A 22 -0.80 -13.26 11.28
N LEU A 23 -1.77 -12.37 11.43
CA LEU A 23 -1.47 -10.98 11.72
C LEU A 23 -0.83 -10.79 13.09
N THR A 24 -1.48 -11.33 14.12
CA THR A 24 -1.08 -11.08 15.49
C THR A 24 0.08 -11.95 15.94
N GLU A 25 0.07 -13.21 15.53
CA GLU A 25 1.06 -14.19 15.97
C GLU A 25 2.30 -14.31 15.08
N ASN A 26 2.22 -13.82 13.85
CA ASN A 26 3.41 -13.83 13.00
C ASN A 26 3.83 -12.44 12.58
N ILE A 27 2.99 -11.75 11.80
CA ILE A 27 3.34 -10.44 11.28
C ILE A 27 3.61 -9.38 12.38
N LEU A 28 2.62 -9.07 13.21
CA LEU A 28 2.82 -7.97 14.15
C LEU A 28 3.78 -8.38 15.28
N LYS A 29 3.84 -9.68 15.57
CA LYS A 29 4.79 -10.19 16.55
C LYS A 29 6.25 -10.00 16.10
N PHE A 30 6.53 -10.29 14.84
CA PHE A 30 7.86 -10.10 14.27
C PHE A 30 8.27 -8.64 14.32
N TRP A 31 7.39 -7.74 13.87
CA TRP A 31 7.71 -6.33 13.83
C TRP A 31 7.87 -5.70 15.21
N ALA A 32 7.07 -6.16 16.18
CA ALA A 32 7.15 -5.62 17.53
C ALA A 32 8.41 -6.07 18.28
N THR A 33 8.96 -7.21 17.88
CA THR A 33 10.08 -7.79 18.62
C THR A 33 11.42 -7.79 17.90
N ARG A 34 11.41 -7.86 16.57
CA ARG A 34 12.67 -7.93 15.86
C ARG A 34 13.15 -6.56 15.41
N THR A 35 12.23 -5.60 15.26
CA THR A 35 12.59 -4.38 14.55
C THR A 35 12.72 -3.10 15.38
N HIS A 36 12.13 -3.04 16.58
CA HIS A 36 12.41 -1.89 17.45
C HIS A 36 13.94 -1.69 17.67
N ASP A 37 14.45 -0.47 17.50
CA ASP A 37 15.89 -0.21 17.73
C ASP A 37 16.16 0.63 18.97
N PRO A 38 16.80 0.02 19.98
CA PRO A 38 17.04 0.75 21.23
C PRO A 38 18.30 1.60 21.22
N VAL A 39 19.05 1.61 20.12
CA VAL A 39 20.25 2.43 20.03
C VAL A 39 19.93 3.83 19.49
N HIS A 40 19.20 3.89 18.37
CA HIS A 40 18.85 5.19 17.80
C HIS A 40 17.38 5.56 18.02
N GLY A 41 16.66 4.67 18.70
CA GLY A 41 15.22 4.82 18.84
C GLY A 41 14.60 4.37 17.54
N GLY A 42 13.28 4.39 17.47
CA GLY A 42 12.57 4.07 16.25
C GLY A 42 12.74 2.62 15.84
N PHE A 43 12.92 2.38 14.54
CA PHE A 43 12.98 1.04 14.01
C PHE A 43 14.16 0.86 13.06
N VAL A 44 14.69 -0.35 13.00
CA VAL A 44 15.81 -0.63 12.11
C VAL A 44 15.40 -0.45 10.65
N GLY A 45 16.34 -0.04 9.82
CA GLY A 45 16.05 0.19 8.42
C GLY A 45 16.17 -1.07 7.59
N ARG A 46 16.71 -2.13 8.19
CA ARG A 46 16.91 -3.36 7.45
C ARG A 46 17.06 -4.59 8.35
N VAL A 47 16.44 -5.70 7.95
CA VAL A 47 16.70 -7.00 8.55
C VAL A 47 17.05 -7.94 7.41
N GLY A 48 18.24 -8.54 7.48
CA GLY A 48 18.72 -9.44 6.44
C GLY A 48 17.95 -10.76 6.41
N PRO A 49 18.28 -11.64 5.46
CA PRO A 49 17.54 -12.91 5.30
C PRO A 49 17.62 -13.81 6.52
N ASP A 50 18.72 -13.74 7.26
CA ASP A 50 18.94 -14.57 8.43
C ASP A 50 18.24 -14.06 9.69
N GLY A 51 17.55 -12.92 9.59
CA GLY A 51 16.86 -12.37 10.74
C GLY A 51 17.65 -11.36 11.55
N ARG A 52 18.85 -11.04 11.10
CA ARG A 52 19.71 -10.06 11.78
C ARG A 52 19.23 -8.63 11.58
N PRO A 53 18.83 -7.95 12.66
CA PRO A 53 18.48 -6.54 12.46
C PRO A 53 19.75 -5.71 12.19
N HIS A 54 19.61 -4.60 11.48
CA HIS A 54 20.74 -3.72 11.19
C HIS A 54 20.45 -2.32 11.66
N PRO A 55 20.69 -2.06 12.95
CA PRO A 55 20.40 -0.77 13.57
C PRO A 55 21.17 0.40 12.95
N GLU A 56 22.27 0.14 12.24
CA GLU A 56 23.01 1.23 11.60
C GLU A 56 22.68 1.41 10.11
N ALA A 57 21.77 0.60 9.58
CA ALA A 57 21.34 0.76 8.21
C ALA A 57 20.59 2.08 8.06
N PRO A 58 20.72 2.73 6.89
CA PRO A 58 19.93 3.93 6.59
C PRO A 58 18.42 3.59 6.55
N ARG A 59 17.59 4.60 6.76
CA ARG A 59 16.19 4.38 7.08
C ARG A 59 15.30 5.22 6.18
N GLY A 60 14.41 4.56 5.45
CA GLY A 60 13.54 5.27 4.52
C GLY A 60 12.26 5.78 5.16
N ALA A 61 11.77 6.89 4.65
CA ALA A 61 10.53 7.48 5.15
C ALA A 61 9.35 6.55 4.87
N ILE A 62 9.33 5.96 3.68
CA ILE A 62 8.24 5.08 3.28
C ILE A 62 8.07 3.91 4.26
N LEU A 63 9.17 3.22 4.53
CA LEU A 63 9.18 2.15 5.52
C LEU A 63 8.65 2.62 6.89
N ASN A 64 9.14 3.75 7.35
CA ASN A 64 8.79 4.22 8.67
C ASN A 64 7.35 4.71 8.75
N ALA A 65 6.86 5.27 7.65
CA ALA A 65 5.43 5.62 7.56
C ALA A 65 4.58 4.35 7.57
N ARG A 66 5.07 3.31 6.91
CA ARG A 66 4.34 2.03 6.86
C ARG A 66 4.24 1.38 8.23
N ILE A 67 5.34 1.41 8.98
CA ILE A 67 5.33 0.93 10.35
C ILE A 67 4.30 1.71 11.16
N LEU A 68 4.36 3.04 11.06
CA LEU A 68 3.37 3.89 11.73
C LEU A 68 1.93 3.54 11.32
N TRP A 69 1.65 3.47 10.03
CA TRP A 69 0.29 3.18 9.58
C TRP A 69 -0.21 1.85 10.13
N THR A 70 0.63 0.82 10.06
CA THR A 70 0.18 -0.55 10.36
C THR A 70 -0.15 -0.73 11.82
N PHE A 71 0.78 -0.32 12.67
CA PHE A 71 0.53 -0.36 14.11
C PHE A 71 -0.63 0.54 14.52
N ALA A 72 -0.75 1.71 13.90
CA ALA A 72 -1.89 2.60 14.14
C ALA A 72 -3.22 1.96 13.74
N ALA A 73 -3.25 1.40 12.53
CA ALA A 73 -4.43 0.69 12.04
C ALA A 73 -4.78 -0.52 12.91
N ALA A 74 -3.78 -1.31 13.27
CA ALA A 74 -4.00 -2.48 14.12
C ALA A 74 -4.52 -2.10 15.49
N TYR A 75 -3.96 -1.02 16.05
CA TYR A 75 -4.45 -0.54 17.34
C TYR A 75 -5.92 -0.09 17.28
N ARG A 76 -6.27 0.70 16.27
CA ARG A 76 -7.63 1.20 16.10
C ARG A 76 -8.63 0.05 16.03
N GLN A 77 -8.27 -0.99 15.29
CA GLN A 77 -9.21 -2.06 15.01
C GLN A 77 -9.19 -3.17 16.04
N LEU A 78 -8.06 -3.35 16.73
CA LEU A 78 -7.90 -4.47 17.65
C LEU A 78 -7.66 -4.06 19.10
N GLY A 79 -7.15 -2.85 19.31
CA GLY A 79 -7.07 -2.30 20.66
C GLY A 79 -5.93 -2.80 21.53
N THR A 80 -5.08 -3.66 20.99
CA THR A 80 -3.93 -4.17 21.73
C THR A 80 -2.97 -3.03 22.06
N PRO A 81 -2.79 -2.75 23.36
CA PRO A 81 -1.99 -1.60 23.82
C PRO A 81 -0.59 -1.61 23.24
N LEU A 82 0.00 -2.79 23.07
CA LEU A 82 1.31 -2.88 22.45
C LEU A 82 1.32 -2.27 21.05
N TYR A 83 0.18 -2.32 20.34
CA TYR A 83 0.19 -1.74 19.00
C TYR A 83 0.25 -0.21 19.04
N ARG A 84 -0.42 0.38 20.02
CA ARG A 84 -0.35 1.83 20.20
C ARG A 84 1.09 2.24 20.54
N GLU A 85 1.69 1.47 21.45
CA GLU A 85 3.06 1.70 21.89
C GLU A 85 4.06 1.70 20.73
N MET A 86 3.94 0.69 19.87
CA MET A 86 4.78 0.57 18.69
C MET A 86 4.49 1.70 17.70
N ALA A 87 3.21 2.03 17.56
CA ALA A 87 2.83 3.12 16.69
C ALA A 87 3.38 4.46 17.19
N GLU A 88 3.30 4.67 18.51
CA GLU A 88 3.87 5.85 19.15
C GLU A 88 5.39 5.95 18.94
N ARG A 89 6.08 4.82 19.11
CA ARG A 89 7.53 4.78 18.86
C ARG A 89 7.84 5.21 17.43
N ALA A 90 7.06 4.73 16.47
CA ALA A 90 7.28 5.07 15.07
C ALA A 90 7.03 6.56 14.82
N TYR A 91 5.98 7.09 15.45
CA TYR A 91 5.56 8.46 15.25
C TYR A 91 6.61 9.45 15.76
N ARG A 92 7.15 9.18 16.95
CA ARG A 92 8.14 10.07 17.54
C ARG A 92 9.40 10.19 16.67
N TYR A 93 9.91 9.06 16.21
CA TYR A 93 11.09 9.09 15.35
C TYR A 93 10.75 9.84 14.07
N PHE A 94 9.60 9.52 13.52
CA PHE A 94 9.15 10.09 12.25
C PHE A 94 9.14 11.62 12.34
N VAL A 95 8.49 12.13 13.39
CA VAL A 95 8.34 13.56 13.56
C VAL A 95 9.67 14.24 13.87
N ARG A 96 10.47 13.59 14.70
CA ARG A 96 11.79 14.11 15.06
C ARG A 96 12.75 14.19 13.86
N HIS A 97 12.77 13.15 13.02
CA HIS A 97 13.84 13.00 12.01
C HIS A 97 13.43 13.06 10.54
N PHE A 98 12.28 12.48 10.20
CA PHE A 98 11.86 12.46 8.79
C PHE A 98 11.18 13.76 8.36
N VAL A 99 10.44 14.37 9.27
CA VAL A 99 9.76 15.62 8.96
C VAL A 99 10.75 16.78 8.88
N ASP A 100 10.70 17.50 7.75
CA ASP A 100 11.52 18.67 7.51
C ASP A 100 10.79 19.86 8.13
N ALA A 101 11.31 20.36 9.24
CA ALA A 101 10.65 21.47 9.94
C ALA A 101 10.77 22.80 9.20
N GLU A 102 11.75 22.93 8.30
CA GLU A 102 11.97 24.20 7.61
C GLU A 102 11.12 24.32 6.34
N HIS A 103 11.25 23.33 5.47
CA HIS A 103 10.59 23.36 4.17
C HIS A 103 9.31 22.54 4.14
N GLY A 104 9.09 21.74 5.17
CA GLY A 104 7.88 20.93 5.23
C GLY A 104 8.04 19.60 4.51
N GLY A 105 7.11 18.68 4.75
CA GLY A 105 7.18 17.36 4.15
C GLY A 105 8.24 16.45 4.78
N VAL A 106 8.45 15.29 4.17
CA VAL A 106 9.35 14.31 4.75
C VAL A 106 10.53 13.97 3.83
N TYR A 107 11.70 13.81 4.46
CA TYR A 107 12.91 13.47 3.73
C TYR A 107 12.79 12.04 3.22
N TRP A 108 13.40 11.76 2.08
CA TRP A 108 13.40 10.44 1.47
C TRP A 108 14.03 9.38 2.38
N MET A 109 15.15 9.76 2.99
CA MET A 109 15.98 8.81 3.70
C MET A 109 16.87 9.51 4.73
N VAL A 110 16.96 8.93 5.93
CA VAL A 110 17.84 9.45 6.95
C VAL A 110 18.83 8.40 7.40
N ALA A 111 19.98 8.83 7.90
CA ALA A 111 20.90 7.93 8.55
C ALA A 111 20.21 7.38 9.80
N ALA A 112 20.70 6.26 10.30
CA ALA A 112 20.10 5.63 11.48
C ALA A 112 19.98 6.59 12.66
N ASP A 113 20.97 7.45 12.84
CA ASP A 113 20.93 8.42 13.94
C ASP A 113 19.96 9.58 13.70
N GLY A 114 19.40 9.67 12.49
CA GLY A 114 18.39 10.68 12.24
C GLY A 114 18.82 11.77 11.28
N ARG A 115 20.11 11.85 11.00
CA ARG A 115 20.64 12.84 10.07
C ARG A 115 20.14 12.62 8.65
N PRO A 116 19.60 13.69 8.03
CA PRO A 116 19.13 13.62 6.65
C PRO A 116 20.22 13.08 5.73
N LEU A 117 19.86 12.08 4.94
CA LEU A 117 20.80 11.39 4.06
C LEU A 117 20.40 11.63 2.62
N ASP A 118 19.10 11.56 2.37
CA ASP A 118 18.57 11.92 1.06
C ASP A 118 17.40 12.84 1.31
N THR A 119 17.57 14.11 0.97
CA THR A 119 16.60 15.12 1.35
C THR A 119 15.55 15.42 0.29
N ARG A 120 15.56 14.67 -0.81
CA ARG A 120 14.57 14.91 -1.85
C ARG A 120 13.15 14.79 -1.28
N LYS A 121 12.22 15.50 -1.89
CA LYS A 121 10.82 15.39 -1.49
C LYS A 121 10.05 14.62 -2.56
N HIS A 122 9.93 13.31 -2.38
CA HIS A 122 9.19 12.49 -3.36
C HIS A 122 7.71 12.36 -2.99
N VAL A 123 6.86 12.68 -3.95
CA VAL A 123 5.41 12.65 -3.71
C VAL A 123 4.91 11.29 -3.18
N TYR A 124 5.56 10.22 -3.60
CA TYR A 124 5.24 8.87 -3.08
C TYR A 124 5.48 8.82 -1.57
N ALA A 125 6.63 9.34 -1.13
CA ALA A 125 6.91 9.40 0.30
C ALA A 125 6.02 10.39 1.05
N GLN A 126 5.67 11.51 0.42
CA GLN A 126 4.80 12.50 1.07
C GLN A 126 3.44 11.88 1.31
N SER A 127 2.99 11.10 0.33
CA SER A 127 1.69 10.40 0.41
C SER A 127 1.66 9.42 1.59
N PHE A 128 2.68 8.57 1.69
CA PHE A 128 2.71 7.60 2.77
C PHE A 128 2.75 8.29 4.14
N ALA A 129 3.37 9.47 4.18
CA ALA A 129 3.39 10.27 5.38
C ALA A 129 1.97 10.69 5.75
N ILE A 130 1.23 11.24 4.77
CA ILE A 130 -0.15 11.65 4.98
C ILE A 130 -1.03 10.50 5.41
N TYR A 131 -0.85 9.36 4.74
CA TYR A 131 -1.62 8.16 4.98
C TYR A 131 -1.41 7.71 6.41
N ALA A 132 -0.14 7.62 6.81
CA ALA A 132 0.22 7.18 8.16
C ALA A 132 -0.18 8.17 9.25
N LEU A 133 0.05 9.47 9.02
CA LEU A 133 -0.30 10.48 10.04
C LEU A 133 -1.82 10.56 10.22
N SER A 134 -2.55 10.43 9.12
CA SER A 134 -4.01 10.45 9.18
C SER A 134 -4.57 9.25 9.92
N GLU A 135 -3.92 8.10 9.79
CA GLU A 135 -4.36 6.90 10.51
C GLU A 135 -4.03 6.99 12.01
N TRP A 136 -2.85 7.53 12.32
CA TRP A 136 -2.45 7.74 13.70
C TRP A 136 -3.48 8.66 14.34
N HIS A 137 -3.89 9.70 13.61
CA HIS A 137 -4.92 10.59 14.10
C HIS A 137 -6.25 9.88 14.34
N ARG A 138 -6.63 9.00 13.41
CA ARG A 138 -7.82 8.18 13.57
C ARG A 138 -7.74 7.33 14.82
N ALA A 139 -6.54 6.85 15.13
CA ALA A 139 -6.38 5.91 16.22
C ALA A 139 -6.33 6.61 17.58
N THR A 140 -5.82 7.83 17.61
CA THR A 140 -5.51 8.51 18.87
C THR A 140 -6.09 9.90 19.04
N GLY A 141 -6.45 10.54 17.93
CA GLY A 141 -7.02 11.87 17.97
C GLY A 141 -5.97 12.97 18.11
N GLY A 142 -4.71 12.61 17.89
CA GLY A 142 -3.61 13.57 18.00
C GLY A 142 -3.73 14.69 17.00
N GLU A 143 -3.68 15.93 17.49
CA GLU A 143 -3.90 17.06 16.60
C GLU A 143 -2.65 17.41 15.80
N ALA A 144 -1.48 17.20 16.40
CA ALA A 144 -0.24 17.49 15.69
C ALA A 144 -0.09 16.60 14.45
N ALA A 145 -0.45 15.33 14.59
CA ALA A 145 -0.37 14.41 13.47
C ALA A 145 -1.26 14.87 12.31
N LEU A 146 -2.49 15.31 12.64
CA LEU A 146 -3.43 15.73 11.62
C LEU A 146 -2.95 17.02 10.99
N ALA A 147 -2.41 17.92 11.80
CA ALA A 147 -1.97 19.21 11.29
C ALA A 147 -0.78 19.01 10.35
N LEU A 148 0.09 18.07 10.71
CA LEU A 148 1.24 17.71 9.91
C LEU A 148 0.79 17.05 8.60
N ALA A 149 -0.23 16.19 8.69
CA ALA A 149 -0.85 15.61 7.52
C ALA A 149 -1.35 16.68 6.54
N ARG A 150 -2.10 17.65 7.06
CA ARG A 150 -2.64 18.74 6.26
C ARG A 150 -1.58 19.58 5.60
N SER A 151 -0.51 19.91 6.32
CA SER A 151 0.55 20.73 5.74
C SER A 151 1.23 20.03 4.56
N ILE A 152 1.38 18.70 4.65
CA ILE A 152 2.04 17.95 3.59
C ILE A 152 1.15 17.93 2.33
N TYR A 153 -0.15 17.77 2.53
CA TYR A 153 -1.11 17.92 1.45
C TYR A 153 -0.95 19.27 0.76
N ASP A 154 -0.87 20.34 1.56
CA ASP A 154 -0.76 21.70 1.03
C ASP A 154 0.49 21.86 0.18
N LEU A 155 1.61 21.31 0.65
CA LEU A 155 2.86 21.35 -0.09
C LEU A 155 2.79 20.62 -1.44
N ILE A 156 2.12 19.47 -1.46
CA ILE A 156 1.98 18.70 -2.70
C ILE A 156 1.17 19.48 -3.75
N GLU A 157 0.06 20.05 -3.31
CA GLU A 157 -0.79 20.82 -4.21
C GLU A 157 -0.07 22.09 -4.69
N THR A 158 0.59 22.76 -3.76
CA THR A 158 1.34 23.98 -4.05
C THR A 158 2.46 23.74 -5.05
N HIS A 159 3.26 22.73 -4.80
CA HIS A 159 4.52 22.56 -5.53
C HIS A 159 4.52 21.52 -6.66
N CYS A 160 3.54 20.62 -6.67
CA CYS A 160 3.62 19.45 -7.56
C CYS A 160 2.44 19.28 -8.50
N ALA A 161 1.31 19.90 -8.17
CA ALA A 161 0.10 19.71 -8.96
C ALA A 161 0.26 20.26 -10.38
N ASP A 162 -0.04 19.42 -11.37
CA ASP A 162 -0.11 19.85 -12.76
C ASP A 162 -1.56 20.21 -13.02
N ARG A 163 -1.86 21.50 -12.96
CA ARG A 163 -3.23 22.00 -13.03
C ARG A 163 -3.75 22.13 -14.46
N VAL A 164 -2.87 21.95 -15.43
CA VAL A 164 -3.25 21.86 -16.84
C VAL A 164 -3.75 20.44 -17.19
N HIS A 165 -2.94 19.43 -16.83
CA HIS A 165 -3.11 18.07 -17.32
C HIS A 165 -3.64 17.06 -16.32
N GLY A 166 -3.77 17.47 -15.06
CA GLY A 166 -4.16 16.53 -14.02
C GLY A 166 -2.93 15.87 -13.44
N GLY A 167 -3.05 15.38 -12.21
CA GLY A 167 -1.98 14.64 -11.59
C GLY A 167 -0.87 15.54 -11.07
N TYR A 168 0.29 14.93 -10.81
CA TYR A 168 1.35 15.58 -10.03
C TYR A 168 2.75 15.30 -10.59
N VAL A 169 3.57 16.33 -10.59
CA VAL A 169 5.02 16.18 -10.66
C VAL A 169 5.37 15.35 -9.43
N GLU A 170 6.27 14.39 -9.57
CA GLU A 170 6.38 13.36 -8.53
C GLU A 170 7.55 13.46 -7.56
N ALA A 171 8.52 14.31 -7.90
CA ALA A 171 9.69 14.49 -7.05
C ALA A 171 10.22 15.92 -7.10
N CYS A 172 10.56 16.44 -5.93
CA CYS A 172 11.20 17.74 -5.81
C CYS A 172 12.44 17.59 -4.95
N ASP A 173 13.27 18.62 -4.90
CA ASP A 173 14.36 18.63 -3.94
C ASP A 173 13.84 19.08 -2.60
N ARG A 174 14.73 19.19 -1.61
CA ARG A 174 14.36 19.54 -0.25
C ARG A 174 13.50 20.80 -0.20
N ALA A 175 13.81 21.75 -1.08
CA ALA A 175 13.16 23.06 -1.08
C ALA A 175 12.02 23.11 -2.10
N TRP A 176 11.49 21.94 -2.45
CA TRP A 176 10.28 21.83 -3.27
C TRP A 176 10.44 22.32 -4.71
N ARG A 177 11.67 22.23 -5.22
CA ARG A 177 11.90 22.55 -6.62
C ARG A 177 11.96 21.26 -7.44
N PRO A 178 11.14 21.18 -8.50
CA PRO A 178 10.97 19.97 -9.33
C PRO A 178 12.29 19.32 -9.74
N LEU A 179 12.37 18.00 -9.61
CA LEU A 179 13.54 17.25 -10.08
C LEU A 179 13.24 16.62 -11.42
N GLU A 180 14.28 16.39 -12.23
CA GLU A 180 14.13 15.69 -13.50
C GLU A 180 13.84 14.21 -13.29
N ASP A 181 14.61 13.60 -12.39
CA ASP A 181 14.50 12.17 -12.15
C ASP A 181 13.47 11.88 -11.04
N ALA A 182 12.30 11.38 -11.42
CA ALA A 182 11.24 11.09 -10.45
C ALA A 182 11.20 9.62 -10.05
N ARG A 183 12.12 8.83 -10.59
CA ARG A 183 12.16 7.40 -10.31
C ARG A 183 12.19 7.07 -8.81
N LEU A 184 11.41 6.07 -8.43
CA LEU A 184 11.42 5.57 -7.07
C LEU A 184 12.67 4.72 -6.85
N SER A 185 13.10 4.06 -7.92
CA SER A 185 14.22 3.12 -7.87
C SER A 185 14.76 2.95 -9.27
N ALA A 186 15.83 2.16 -9.39
CA ALA A 186 16.43 1.83 -10.69
C ALA A 186 15.51 0.96 -11.56
N LYS A 187 14.51 0.38 -10.92
CA LYS A 187 13.57 -0.50 -11.59
C LYS A 187 12.54 0.28 -12.42
N ASP A 188 12.31 1.54 -12.04
CA ASP A 188 11.27 2.33 -12.68
C ASP A 188 11.71 3.06 -13.96
N ALA A 189 10.77 3.26 -14.88
CA ALA A 189 11.06 3.98 -16.11
C ALA A 189 11.26 5.47 -15.85
N PRO A 190 12.23 6.07 -16.55
CA PRO A 190 12.54 7.50 -16.41
C PRO A 190 11.49 8.32 -17.13
N GLU A 191 10.26 8.28 -16.65
CA GLU A 191 9.16 9.03 -17.24
C GLU A 191 8.59 9.99 -16.19
N PRO A 192 7.97 11.10 -16.64
CA PRO A 192 7.44 12.09 -15.68
C PRO A 192 6.26 11.65 -14.81
N ARG A 193 5.43 10.72 -15.26
CA ARG A 193 4.28 10.31 -14.47
C ARG A 193 4.23 8.80 -14.34
N SER A 194 3.89 8.33 -13.15
CA SER A 194 3.74 6.90 -12.93
C SER A 194 2.42 6.65 -12.25
N MET A 195 1.80 5.52 -12.59
CA MET A 195 0.59 5.09 -11.93
C MET A 195 0.90 4.85 -10.45
N ASN A 196 2.06 4.25 -10.21
CA ASN A 196 2.43 3.83 -8.86
C ASN A 196 2.39 5.00 -7.88
N THR A 197 2.99 6.11 -8.27
CA THR A 197 2.98 7.27 -7.38
C THR A 197 1.57 7.88 -7.26
N HIS A 198 0.85 7.96 -8.37
CA HIS A 198 -0.51 8.49 -8.34
C HIS A 198 -1.51 7.60 -7.59
N LEU A 199 -1.27 6.30 -7.57
CA LEU A 199 -2.09 5.40 -6.77
C LEU A 199 -2.00 5.75 -5.29
N HIS A 200 -0.81 6.09 -4.83
CA HIS A 200 -0.62 6.31 -3.41
C HIS A 200 -1.00 7.72 -2.97
N VAL A 201 -1.04 8.65 -3.92
CA VAL A 201 -1.63 9.96 -3.64
C VAL A 201 -3.11 9.80 -3.34
N LEU A 202 -3.78 9.05 -4.20
CA LEU A 202 -5.19 8.73 -4.05
C LEU A 202 -5.47 8.08 -2.72
N GLU A 203 -4.72 7.03 -2.42
CA GLU A 203 -4.81 6.29 -1.16
C GLU A 203 -4.62 7.21 0.05
N ALA A 204 -3.57 8.03 0.04
CA ALA A 204 -3.32 9.02 1.10
C ALA A 204 -4.48 9.99 1.23
N TYR A 205 -4.92 10.55 0.11
CA TYR A 205 -5.96 11.57 0.12
C TYR A 205 -7.31 11.03 0.59
N ALA A 206 -7.59 9.78 0.25
CA ALA A 206 -8.82 9.12 0.69
C ALA A 206 -8.82 8.94 2.20
N ASN A 207 -7.67 8.58 2.77
CA ASN A 207 -7.56 8.42 4.22
C ASN A 207 -7.57 9.78 4.96
N LEU A 208 -6.98 10.80 4.33
CA LEU A 208 -7.03 12.14 4.91
C LEU A 208 -8.45 12.69 4.89
N TYR A 209 -9.18 12.41 3.82
CA TYR A 209 -10.57 12.86 3.70
C TYR A 209 -11.49 12.28 4.78
N ARG A 210 -11.20 11.06 5.22
CA ARG A 210 -11.92 10.46 6.34
C ARG A 210 -11.92 11.35 7.59
N VAL A 211 -10.81 12.05 7.84
CA VAL A 211 -10.68 12.80 9.09
C VAL A 211 -10.65 14.30 8.85
N TRP A 212 -10.66 14.67 7.58
CA TRP A 212 -10.69 16.09 7.23
C TRP A 212 -11.48 16.22 5.94
N PRO A 213 -12.82 16.13 6.04
CA PRO A 213 -13.70 16.12 4.87
C PRO A 213 -13.81 17.51 4.27
N GLU A 214 -12.68 18.05 3.80
CA GLU A 214 -12.63 19.41 3.28
C GLU A 214 -13.02 19.46 1.80
N THR A 215 -13.75 20.51 1.42
CA THR A 215 -14.28 20.64 0.06
C THR A 215 -13.24 20.56 -1.05
N GLU A 216 -12.11 21.24 -0.90
CA GLU A 216 -11.09 21.24 -1.96
C GLU A 216 -10.38 19.90 -2.05
N LEU A 217 -10.18 19.23 -0.91
CA LEU A 217 -9.61 17.89 -0.91
C LEU A 217 -10.54 16.94 -1.66
N ALA A 218 -11.84 17.10 -1.46
CA ALA A 218 -12.83 16.28 -2.13
C ALA A 218 -12.70 16.41 -3.64
N ALA A 219 -12.51 17.65 -4.10
CA ALA A 219 -12.30 17.91 -5.52
C ALA A 219 -11.00 17.28 -6.03
N ARG A 220 -9.92 17.41 -5.26
CA ARG A 220 -8.63 16.78 -5.61
C ARG A 220 -8.73 15.24 -5.65
N LEU A 221 -9.48 14.68 -4.70
CA LEU A 221 -9.65 13.23 -4.61
C LEU A 221 -10.46 12.71 -5.81
N GLN A 222 -11.55 13.41 -6.12
CA GLN A 222 -12.37 13.03 -7.25
C GLN A 222 -11.61 13.15 -8.57
N ALA A 223 -10.78 14.17 -8.68
CA ALA A 223 -9.99 14.39 -9.89
C ALA A 223 -8.97 13.27 -10.10
N LEU A 224 -8.50 12.67 -9.02
CA LEU A 224 -7.57 11.53 -9.13
C LEU A 224 -8.31 10.27 -9.54
N ILE A 225 -9.49 10.06 -8.97
CA ILE A 225 -10.32 8.94 -9.38
C ILE A 225 -10.64 9.05 -10.85
N GLU A 226 -11.01 10.26 -11.27
CA GLU A 226 -11.35 10.50 -12.67
C GLU A 226 -10.13 10.30 -13.58
N LEU A 227 -8.96 10.76 -13.12
CA LEU A 227 -7.71 10.53 -13.85
C LEU A 227 -7.44 9.04 -14.06
N PHE A 228 -7.68 8.25 -13.02
CA PHE A 228 -7.49 6.81 -13.11
C PHE A 228 -8.42 6.17 -14.13
N LEU A 229 -9.68 6.57 -14.13
CA LEU A 229 -10.66 6.00 -15.05
C LEU A 229 -10.37 6.39 -16.50
N ARG A 230 -9.97 7.63 -16.72
CA ARG A 230 -9.83 8.11 -18.09
C ARG A 230 -8.43 7.87 -18.67
N ALA A 231 -7.41 7.78 -17.83
CA ALA A 231 -6.04 7.80 -18.34
C ALA A 231 -5.18 6.58 -18.00
N ILE A 232 -5.41 6.00 -16.84
CA ILE A 232 -4.46 5.03 -16.32
C ILE A 232 -5.00 3.63 -16.53
N TYR A 233 -6.28 3.45 -16.23
CA TYR A 233 -6.99 2.20 -16.49
C TYR A 233 -7.24 2.04 -18.00
N HIS A 234 -6.87 0.89 -18.54
CA HIS A 234 -7.09 0.64 -19.96
C HIS A 234 -8.25 -0.33 -20.13
N PRO A 235 -9.39 0.16 -20.62
CA PRO A 235 -10.58 -0.70 -20.79
C PRO A 235 -10.36 -1.87 -21.75
N ALA A 236 -9.44 -1.74 -22.69
CA ALA A 236 -9.25 -2.80 -23.68
C ALA A 236 -8.53 -4.01 -23.09
N THR A 237 -7.78 -3.79 -22.01
CA THR A 237 -6.95 -4.85 -21.44
C THR A 237 -7.27 -5.17 -19.97
N GLY A 238 -7.86 -4.21 -19.26
CA GLY A 238 -8.13 -4.42 -17.85
C GLY A 238 -6.89 -4.35 -17.00
N HIS A 239 -5.89 -3.63 -17.49
CA HIS A 239 -4.69 -3.40 -16.73
C HIS A 239 -4.43 -1.91 -16.62
N LEU A 240 -3.72 -1.52 -15.57
CA LEU A 240 -3.24 -0.15 -15.44
C LEU A 240 -1.98 0.03 -16.29
N ILE A 241 -1.90 1.15 -17.00
CA ILE A 241 -0.69 1.52 -17.74
C ILE A 241 0.22 2.11 -16.67
N LEU A 242 1.52 1.86 -16.75
CA LEU A 242 2.42 2.18 -15.63
C LEU A 242 3.07 3.55 -15.69
N PHE A 243 3.46 4.01 -16.87
CA PHE A 243 4.18 5.27 -17.00
C PHE A 243 3.71 6.08 -18.19
N PHE A 244 3.76 7.40 -18.04
CA PHE A 244 3.18 8.33 -19.01
C PHE A 244 4.06 9.56 -19.11
N ASP A 245 3.85 10.38 -20.14
CA ASP A 245 4.39 11.73 -20.14
C ASP A 245 3.44 12.69 -19.38
N GLU A 246 3.75 13.99 -19.39
CA GLU A 246 2.96 14.98 -18.66
C GLU A 246 1.49 15.05 -19.11
N ARG A 247 1.22 14.64 -20.36
CA ARG A 247 -0.13 14.71 -20.90
C ARG A 247 -0.80 13.36 -20.83
N TRP A 248 -0.22 12.47 -20.04
CA TRP A 248 -0.79 11.15 -19.77
C TRP A 248 -0.84 10.27 -21.01
N ARG A 249 0.14 10.43 -21.89
CA ARG A 249 0.25 9.55 -23.04
C ARG A 249 1.10 8.39 -22.59
N PRO A 250 0.61 7.15 -22.78
CA PRO A 250 1.31 5.95 -22.33
C PRO A 250 2.76 5.95 -22.80
N ARG A 251 3.66 5.58 -21.91
CA ARG A 251 5.07 5.51 -22.21
C ARG A 251 5.59 4.17 -21.66
N SER A 252 4.70 3.20 -21.62
CA SER A 252 4.99 1.90 -21.05
C SER A 252 3.98 0.88 -21.53
N ARG A 253 4.38 -0.39 -21.53
CA ARG A 253 3.44 -1.46 -21.88
C ARG A 253 3.50 -2.60 -20.88
N ALA A 254 4.23 -2.40 -19.80
CA ALA A 254 4.38 -3.44 -18.80
C ALA A 254 3.05 -3.61 -18.06
N VAL A 255 2.83 -4.79 -17.50
CA VAL A 255 1.62 -5.04 -16.74
C VAL A 255 2.03 -5.52 -15.35
N SER A 256 1.42 -4.95 -14.32
CA SER A 256 1.76 -5.30 -12.92
C SER A 256 0.52 -5.77 -12.22
N PHE A 257 0.41 -7.07 -12.04
CA PHE A 257 -0.83 -7.66 -11.57
C PHE A 257 -1.18 -7.18 -10.15
N GLY A 258 -0.17 -7.05 -9.30
CA GLY A 258 -0.38 -6.60 -7.91
C GLY A 258 -0.92 -5.19 -7.80
N HIS A 259 -0.44 -4.30 -8.68
CA HIS A 259 -0.97 -2.93 -8.76
C HIS A 259 -2.41 -2.89 -9.24
N ASP A 260 -2.71 -3.74 -10.22
CA ASP A 260 -4.06 -3.85 -10.74
C ASP A 260 -5.07 -4.21 -9.65
N ILE A 261 -4.77 -5.28 -8.93
CA ILE A 261 -5.71 -5.81 -7.95
C ILE A 261 -5.80 -4.91 -6.71
N GLU A 262 -4.72 -4.20 -6.41
CA GLU A 262 -4.74 -3.21 -5.34
C GLU A 262 -5.62 -2.01 -5.71
N ALA A 263 -5.44 -1.50 -6.91
CA ALA A 263 -6.20 -0.37 -7.39
C ALA A 263 -7.68 -0.75 -7.46
N SER A 264 -7.93 -2.01 -7.80
CA SER A 264 -9.29 -2.54 -7.87
C SER A 264 -10.12 -2.24 -6.61
N TRP A 265 -9.56 -2.48 -5.43
CA TRP A 265 -10.31 -2.21 -4.22
C TRP A 265 -10.12 -0.78 -3.67
N LEU A 266 -8.97 -0.19 -3.94
CA LEU A 266 -8.65 1.16 -3.48
C LEU A 266 -9.54 2.19 -4.17
N LEU A 267 -9.73 2.00 -5.48
CA LEU A 267 -10.60 2.89 -6.23
C LEU A 267 -11.99 2.95 -5.61
N LEU A 268 -12.52 1.78 -5.27
CA LEU A 268 -13.84 1.71 -4.66
C LEU A 268 -13.88 2.33 -3.27
N GLU A 269 -12.84 2.07 -2.48
CA GLU A 269 -12.79 2.64 -1.15
C GLU A 269 -12.77 4.16 -1.22
N ALA A 270 -11.99 4.68 -2.16
CA ALA A 270 -11.86 6.10 -2.38
C ALA A 270 -13.17 6.74 -2.82
N VAL A 271 -13.89 6.10 -3.74
CA VAL A 271 -15.14 6.69 -4.23
C VAL A 271 -16.18 6.69 -3.11
N ASP A 272 -16.17 5.64 -2.29
CA ASP A 272 -17.09 5.54 -1.16
C ASP A 272 -16.75 6.47 0.01
N VAL A 273 -15.47 6.70 0.26
CA VAL A 273 -15.04 7.74 1.21
C VAL A 273 -15.58 9.10 0.74
N LEU A 274 -15.58 9.31 -0.57
CA LEU A 274 -15.99 10.57 -1.15
C LEU A 274 -17.51 10.75 -1.10
N GLY A 275 -18.24 9.64 -1.14
CA GLY A 275 -19.70 9.70 -1.18
C GLY A 275 -20.18 10.10 -2.55
N GLN A 276 -19.41 9.70 -3.56
CA GLN A 276 -19.66 10.11 -4.94
C GLN A 276 -20.46 9.04 -5.72
N ALA A 277 -21.79 9.10 -5.54
CA ALA A 277 -22.71 8.09 -6.08
C ALA A 277 -22.81 8.09 -7.60
N THR A 278 -22.71 9.27 -8.21
CA THR A 278 -22.75 9.39 -9.67
C THR A 278 -21.55 8.70 -10.32
N LEU A 279 -20.39 8.75 -9.66
CA LEU A 279 -19.18 8.20 -10.25
C LEU A 279 -18.99 6.70 -9.93
N ARG A 280 -19.66 6.24 -8.87
CA ARG A 280 -19.46 4.87 -8.39
C ARG A 280 -19.67 3.75 -9.42
N PRO A 281 -20.75 3.84 -10.25
CA PRO A 281 -20.89 2.76 -11.23
C PRO A 281 -19.68 2.56 -12.15
N ARG A 282 -19.08 3.66 -12.64
CA ARG A 282 -17.91 3.53 -13.52
C ARG A 282 -16.72 2.95 -12.79
N VAL A 283 -16.57 3.32 -11.52
CA VAL A 283 -15.47 2.81 -10.71
C VAL A 283 -15.65 1.32 -10.45
N GLN A 284 -16.86 0.92 -10.06
CA GLN A 284 -17.17 -0.48 -9.81
C GLN A 284 -16.91 -1.32 -11.05
N GLN A 285 -17.21 -0.74 -12.21
CA GLN A 285 -16.98 -1.44 -13.46
C GLN A 285 -15.50 -1.59 -13.76
N ALA A 286 -14.75 -0.50 -13.59
CA ALA A 286 -13.32 -0.56 -13.82
C ALA A 286 -12.69 -1.50 -12.81
N SER A 287 -13.21 -1.46 -11.60
CA SER A 287 -12.66 -2.25 -10.51
C SER A 287 -12.88 -3.75 -10.69
N LEU A 288 -14.09 -4.15 -11.06
CA LEU A 288 -14.38 -5.56 -11.35
C LEU A 288 -13.57 -6.08 -12.52
N HIS A 289 -13.35 -5.22 -13.50
CA HIS A 289 -12.53 -5.56 -14.67
C HIS A 289 -11.08 -5.85 -14.30
N LEU A 290 -10.44 -4.90 -13.64
CA LEU A 290 -9.14 -5.07 -12.98
C LEU A 290 -9.07 -6.42 -12.23
N ALA A 291 -10.09 -6.71 -11.44
CA ALA A 291 -10.17 -7.96 -10.69
C ALA A 291 -10.22 -9.20 -11.60
N ARG A 292 -11.10 -9.20 -12.59
CA ARG A 292 -11.19 -10.30 -13.56
C ARG A 292 -9.91 -10.47 -14.39
N ALA A 293 -9.35 -9.35 -14.82
CA ALA A 293 -8.13 -9.42 -15.62
C ALA A 293 -7.00 -10.10 -14.86
N THR A 294 -6.92 -9.82 -13.55
CA THR A 294 -5.89 -10.41 -12.70
C THR A 294 -6.18 -11.89 -12.53
N LEU A 295 -7.45 -12.18 -12.30
CA LEU A 295 -7.95 -13.53 -12.19
C LEU A 295 -7.54 -14.35 -13.42
N ALA A 296 -7.76 -13.78 -14.61
CA ALA A 296 -7.52 -14.49 -15.88
C ALA A 296 -6.05 -14.57 -16.30
N GLU A 297 -5.28 -13.54 -16.02
CA GLU A 297 -3.93 -13.44 -16.59
C GLU A 297 -2.79 -13.43 -15.60
N GLY A 298 -3.06 -13.06 -14.35
CA GLY A 298 -2.00 -12.80 -13.40
C GLY A 298 -1.71 -13.92 -12.43
N ARG A 299 -2.48 -15.00 -12.53
CA ARG A 299 -2.38 -16.09 -11.58
C ARG A 299 -1.68 -17.32 -12.11
N ALA A 300 -0.85 -17.89 -11.25
CA ALA A 300 -0.30 -19.22 -11.45
C ALA A 300 -1.43 -20.22 -11.17
N PRO A 301 -1.23 -21.50 -11.53
CA PRO A 301 -2.30 -22.49 -11.27
C PRO A 301 -2.62 -22.70 -9.80
N ASP A 302 -1.66 -22.45 -8.91
CA ASP A 302 -1.88 -22.55 -7.48
C ASP A 302 -2.64 -21.35 -6.86
N GLY A 303 -3.01 -20.38 -7.67
CA GLY A 303 -3.78 -19.23 -7.21
C GLY A 303 -2.99 -17.98 -6.82
N SER A 304 -1.67 -18.13 -6.66
CA SER A 304 -0.80 -17.00 -6.34
C SER A 304 -0.67 -16.07 -7.55
N LEU A 305 -0.23 -14.85 -7.32
CA LEU A 305 -0.04 -13.91 -8.42
C LEU A 305 1.42 -13.82 -8.87
N TYR A 306 1.58 -13.83 -10.18
CA TYR A 306 2.85 -13.48 -10.81
C TYR A 306 3.18 -12.01 -10.53
N TYR A 307 4.42 -11.62 -10.84
CA TYR A 307 4.88 -10.28 -10.51
C TYR A 307 4.47 -9.26 -11.55
N GLU A 308 4.81 -9.52 -12.81
CA GLU A 308 4.56 -8.56 -13.86
C GLU A 308 4.78 -9.17 -15.23
N ILE A 309 4.33 -8.47 -16.25
CA ILE A 309 4.82 -8.68 -17.59
C ILE A 309 5.65 -7.46 -17.95
N GLY A 310 6.93 -7.66 -18.24
CA GLY A 310 7.83 -6.56 -18.51
C GLY A 310 7.61 -5.85 -19.83
N GLU A 311 8.43 -4.83 -20.11
CA GLU A 311 8.31 -4.01 -21.32
C GLU A 311 8.51 -4.81 -22.59
N GLN A 312 9.36 -5.84 -22.53
CA GLN A 312 9.58 -6.71 -23.67
C GLN A 312 8.60 -7.87 -23.72
N GLY A 313 7.66 -7.91 -22.78
CA GLY A 313 6.65 -8.96 -22.79
C GLY A 313 6.96 -10.16 -21.90
N HIS A 314 8.14 -10.17 -21.28
CA HIS A 314 8.52 -11.28 -20.41
C HIS A 314 7.71 -11.35 -19.12
N LEU A 315 7.11 -12.52 -18.88
CA LEU A 315 6.42 -12.80 -17.63
C LEU A 315 7.42 -13.13 -16.52
N ASP A 316 7.42 -12.33 -15.46
CA ASP A 316 8.20 -12.61 -14.25
C ASP A 316 7.31 -13.39 -13.30
N THR A 317 7.66 -14.65 -13.09
CA THR A 317 6.83 -15.59 -12.36
C THR A 317 7.12 -15.60 -10.86
N ASP A 318 8.10 -14.81 -10.41
CA ASP A 318 8.38 -14.67 -8.99
C ASP A 318 7.13 -14.28 -8.24
N ARG A 319 6.92 -14.91 -7.09
CA ARG A 319 5.87 -14.51 -6.20
C ARG A 319 6.41 -13.53 -5.15
N HIS A 320 6.13 -12.24 -5.34
CA HIS A 320 6.50 -11.26 -4.33
C HIS A 320 5.44 -11.26 -3.24
N TRP A 321 5.82 -10.86 -2.04
CA TRP A 321 4.91 -10.97 -0.91
C TRP A 321 3.65 -10.11 -1.09
N TRP A 322 3.82 -8.89 -1.61
CA TRP A 322 2.74 -7.91 -1.57
C TRP A 322 1.60 -8.09 -2.59
N PRO A 323 1.91 -8.58 -3.80
CA PRO A 323 0.77 -8.88 -4.68
C PRO A 323 -0.18 -9.93 -4.10
N GLN A 324 0.36 -10.89 -3.37
CA GLN A 324 -0.48 -11.91 -2.76
C GLN A 324 -1.39 -11.26 -1.72
N ALA A 325 -0.80 -10.37 -0.91
CA ALA A 325 -1.53 -9.63 0.09
C ALA A 325 -2.63 -8.82 -0.57
N GLU A 326 -2.27 -8.11 -1.64
CA GLU A 326 -3.22 -7.21 -2.28
C GLU A 326 -4.33 -7.97 -2.98
N ALA A 327 -3.99 -9.14 -3.54
CA ALA A 327 -5.01 -10.00 -4.14
C ALA A 327 -6.00 -10.52 -3.11
N LEU A 328 -5.51 -10.80 -1.90
CA LEU A 328 -6.38 -11.29 -0.84
C LEU A 328 -7.53 -10.30 -0.64
N VAL A 329 -7.18 -9.03 -0.49
CA VAL A 329 -8.18 -7.98 -0.33
C VAL A 329 -8.95 -7.70 -1.63
N GLY A 330 -8.24 -7.70 -2.75
CA GLY A 330 -8.84 -7.37 -4.03
C GLY A 330 -9.91 -8.36 -4.45
N PHE A 331 -9.67 -9.65 -4.16
CA PHE A 331 -10.61 -10.72 -4.50
C PHE A 331 -11.77 -10.84 -3.49
N LEU A 332 -11.50 -10.52 -2.22
CA LEU A 332 -12.59 -10.48 -1.25
C LEU A 332 -13.48 -9.31 -1.64
N ASN A 333 -12.87 -8.20 -2.01
CA ASN A 333 -13.64 -7.03 -2.42
C ASN A 333 -14.48 -7.30 -3.66
N ALA A 334 -13.88 -7.96 -4.65
CA ALA A 334 -14.59 -8.27 -5.88
C ALA A 334 -15.78 -9.15 -5.58
N TYR A 335 -15.62 -10.06 -4.64
CA TYR A 335 -16.73 -10.90 -4.21
C TYR A 335 -17.84 -10.07 -3.52
N GLN A 336 -17.46 -9.18 -2.61
CA GLN A 336 -18.43 -8.32 -1.94
C GLN A 336 -19.19 -7.45 -2.93
N GLU A 337 -18.48 -6.97 -3.95
CA GLU A 337 -19.07 -6.06 -4.95
C GLU A 337 -20.00 -6.75 -5.95
N SER A 338 -19.58 -7.90 -6.47
CA SER A 338 -20.31 -8.60 -7.54
C SER A 338 -21.16 -9.78 -7.04
N GLY A 339 -20.90 -10.25 -5.83
CA GLY A 339 -21.54 -11.46 -5.31
C GLY A 339 -21.16 -12.76 -6.03
N GLU A 340 -20.16 -12.69 -6.91
CA GLU A 340 -19.66 -13.86 -7.63
C GLU A 340 -18.65 -14.63 -6.79
N VAL A 341 -19.01 -15.83 -6.39
CA VAL A 341 -18.24 -16.63 -5.45
C VAL A 341 -16.87 -17.09 -5.99
N LEU A 342 -16.69 -17.09 -7.30
CA LEU A 342 -15.37 -17.37 -7.89
C LEU A 342 -14.30 -16.43 -7.33
N PHE A 343 -14.69 -15.20 -7.00
CA PHE A 343 -13.75 -14.26 -6.41
C PHE A 343 -13.39 -14.67 -4.99
N TYR A 344 -14.36 -15.25 -4.29
CA TYR A 344 -14.06 -15.77 -2.96
C TYR A 344 -13.10 -16.94 -3.04
N GLU A 345 -13.32 -17.84 -4.01
CA GLU A 345 -12.45 -18.99 -4.20
C GLU A 345 -11.02 -18.56 -4.53
N ALA A 346 -10.88 -17.53 -5.35
CA ALA A 346 -9.58 -16.97 -5.66
C ALA A 346 -8.93 -16.42 -4.40
N ALA A 347 -9.71 -15.78 -3.54
CA ALA A 347 -9.17 -15.25 -2.29
C ALA A 347 -8.63 -16.38 -1.42
N GLU A 348 -9.43 -17.44 -1.30
CA GLU A 348 -9.03 -18.63 -0.56
C GLU A 348 -7.75 -19.28 -1.13
N ASP A 349 -7.66 -19.38 -2.46
CA ASP A 349 -6.46 -19.90 -3.12
C ASP A 349 -5.20 -19.10 -2.79
N VAL A 350 -5.28 -17.78 -2.88
CA VAL A 350 -4.11 -16.97 -2.61
C VAL A 350 -3.71 -17.08 -1.15
N TRP A 351 -4.70 -17.21 -0.26
CA TRP A 351 -4.39 -17.33 1.15
C TRP A 351 -3.66 -18.63 1.46
N ARG A 352 -4.11 -19.71 0.83
CA ARG A 352 -3.48 -20.99 1.05
C ARG A 352 -2.06 -20.92 0.55
N TYR A 353 -1.86 -20.24 -0.58
CA TYR A 353 -0.50 -20.00 -1.05
C TYR A 353 0.33 -19.22 -0.03
N ILE A 354 -0.26 -18.16 0.53
CA ILE A 354 0.46 -17.36 1.52
C ILE A 354 0.87 -18.24 2.69
N ARG A 355 -0.06 -19.06 3.16
CA ARG A 355 0.21 -19.94 4.29
C ARG A 355 1.25 -21.00 3.97
N GLU A 356 1.22 -21.53 2.75
CA GLU A 356 2.06 -22.67 2.40
C GLU A 356 3.41 -22.32 1.80
N ARG A 357 3.49 -21.16 1.16
CA ARG A 357 4.69 -20.78 0.45
C ARG A 357 5.28 -19.43 0.85
N GLN A 358 4.45 -18.40 0.95
CA GLN A 358 4.95 -17.05 1.11
C GLN A 358 5.46 -16.82 2.51
N ARG A 359 4.72 -17.35 3.47
CA ARG A 359 5.04 -17.28 4.87
C ARG A 359 6.40 -17.90 5.16
N ASP A 360 7.22 -17.19 5.92
CA ASP A 360 8.47 -17.74 6.43
C ASP A 360 8.24 -18.22 7.86
N THR A 361 7.87 -19.48 7.98
CA THR A 361 7.57 -20.10 9.27
C THR A 361 8.79 -20.18 10.19
N ARG A 362 9.92 -20.60 9.61
CA ARG A 362 11.19 -20.68 10.31
C ARG A 362 11.62 -19.32 10.86
N GLY A 363 11.79 -18.34 9.98
CA GLY A 363 12.33 -17.06 10.37
C GLY A 363 11.30 -15.99 10.75
N GLY A 364 10.01 -16.31 10.64
CA GLY A 364 8.99 -15.32 10.92
C GLY A 364 8.66 -14.39 9.75
N GLU A 365 7.48 -13.78 9.81
CA GLU A 365 7.00 -12.85 8.78
C GLU A 365 6.80 -13.55 7.42
N TRP A 366 6.94 -12.81 6.33
CA TRP A 366 6.81 -13.39 4.98
C TRP A 366 8.11 -13.21 4.18
N PHE A 367 8.41 -14.21 3.34
CA PHE A 367 9.46 -14.09 2.35
C PHE A 367 9.10 -12.97 1.37
N ALA A 368 10.09 -12.16 1.01
CA ALA A 368 9.87 -11.11 0.03
C ALA A 368 9.49 -11.72 -1.32
N ARG A 369 10.22 -12.77 -1.71
CA ARG A 369 10.06 -13.39 -3.02
C ARG A 369 10.16 -14.89 -2.95
N VAL A 370 9.29 -15.56 -3.70
CA VAL A 370 9.36 -17.01 -3.83
C VAL A 370 9.37 -17.39 -5.32
N ARG A 371 10.31 -18.23 -5.71
CA ARG A 371 10.49 -18.57 -7.10
C ARG A 371 9.33 -19.46 -7.55
N ASP A 372 9.17 -19.56 -8.86
CA ASP A 372 8.09 -20.35 -9.46
C ASP A 372 8.13 -21.82 -9.03
N ASP A 373 9.28 -22.29 -8.54
CA ASP A 373 9.41 -23.68 -8.13
C ASP A 373 9.20 -23.87 -6.64
N GLY A 374 8.84 -22.79 -5.95
CA GLY A 374 8.64 -22.83 -4.52
C GLY A 374 9.85 -22.45 -3.69
N ALA A 375 10.98 -22.23 -4.34
CA ALA A 375 12.20 -21.84 -3.64
C ALA A 375 12.20 -20.37 -3.26
N PRO A 376 12.30 -20.07 -1.96
CA PRO A 376 12.39 -18.70 -1.45
C PRO A 376 13.74 -18.11 -1.81
N TYR A 377 13.77 -16.87 -2.29
CA TYR A 377 15.03 -16.19 -2.50
C TYR A 377 15.54 -15.70 -1.16
N PRO A 378 16.87 -15.62 -0.99
CA PRO A 378 17.45 -15.12 0.24
C PRO A 378 17.46 -13.59 0.28
N ASP A 379 16.30 -12.96 0.12
CA ASP A 379 16.20 -11.50 0.18
C ASP A 379 16.09 -11.05 1.63
N ASP A 380 16.28 -9.75 1.85
CA ASP A 380 16.05 -9.13 3.15
C ASP A 380 14.62 -9.32 3.66
N LYS A 381 14.49 -9.52 4.96
CA LYS A 381 13.18 -9.62 5.60
C LYS A 381 12.55 -8.24 5.72
N VAL A 382 13.40 -7.25 5.96
CA VAL A 382 12.97 -5.88 6.10
C VAL A 382 13.99 -5.06 5.35
N ASP A 383 13.51 -4.12 4.54
CA ASP A 383 14.40 -3.13 3.95
C ASP A 383 13.59 -1.89 3.58
N PHE A 384 14.21 -0.98 2.87
CA PHE A 384 13.58 0.25 2.38
C PHE A 384 12.18 0.03 1.79
N TRP A 385 12.02 -1.09 1.09
CA TRP A 385 10.80 -1.37 0.34
C TRP A 385 9.90 -2.44 0.95
N LYS A 386 10.31 -3.01 2.08
CA LYS A 386 9.53 -4.08 2.68
C LYS A 386 9.19 -3.79 4.12
N GLY A 387 7.97 -3.30 4.34
CA GLY A 387 7.47 -3.03 5.67
C GLY A 387 6.33 -3.98 6.02
N PRO A 388 5.55 -3.62 7.05
CA PRO A 388 4.43 -4.46 7.50
C PRO A 388 3.10 -4.04 6.92
N TYR A 389 3.10 -3.08 5.99
CA TYR A 389 1.89 -2.44 5.51
C TYR A 389 1.04 -3.29 4.56
N HIS A 390 1.63 -3.81 3.49
CA HIS A 390 0.84 -4.64 2.56
C HIS A 390 0.21 -5.86 3.23
N ASN A 391 1.02 -6.64 3.95
CA ASN A 391 0.50 -7.82 4.60
C ASN A 391 -0.29 -7.54 5.87
N GLY A 392 0.14 -6.53 6.63
CA GLY A 392 -0.60 -6.12 7.81
C GLY A 392 -1.98 -5.59 7.44
N ARG A 393 -2.04 -4.72 6.44
CA ARG A 393 -3.31 -4.19 5.97
C ARG A 393 -4.20 -5.26 5.37
N ALA A 394 -3.60 -6.14 4.57
CA ALA A 394 -4.39 -7.18 3.91
C ALA A 394 -5.11 -8.02 4.97
N CYS A 395 -4.41 -8.28 6.07
CA CYS A 395 -4.99 -9.09 7.14
C CYS A 395 -6.11 -8.36 7.87
N LEU A 396 -5.89 -7.07 8.17
CA LEU A 396 -6.91 -6.26 8.83
C LEU A 396 -8.17 -6.16 7.95
N GLU A 397 -7.97 -5.88 6.67
CA GLU A 397 -9.07 -5.77 5.72
C GLU A 397 -9.88 -7.05 5.60
N ALA A 398 -9.18 -8.17 5.45
CA ALA A 398 -9.82 -9.48 5.29
C ALA A 398 -10.66 -9.83 6.51
N ILE A 399 -10.10 -9.61 7.70
CA ILE A 399 -10.81 -9.86 8.96
C ILE A 399 -12.11 -9.03 9.05
N GLN A 400 -12.05 -7.75 8.71
CA GLN A 400 -13.23 -6.87 8.73
C GLN A 400 -14.23 -7.21 7.63
N ARG A 401 -13.73 -7.46 6.43
CA ARG A 401 -14.59 -7.90 5.33
C ARG A 401 -15.28 -9.24 5.61
N LEU A 402 -14.53 -10.22 6.10
CA LEU A 402 -15.15 -11.47 6.51
C LEU A 402 -16.21 -11.27 7.61
N ARG A 403 -15.94 -10.36 8.55
CA ARG A 403 -16.89 -10.02 9.59
C ARG A 403 -18.23 -9.59 8.98
N HIS A 404 -18.18 -8.72 7.98
CA HIS A 404 -19.40 -8.28 7.30
C HIS A 404 -20.12 -9.43 6.60
N LEU A 405 -19.37 -10.26 5.88
CA LEU A 405 -19.95 -11.44 5.22
C LEU A 405 -20.63 -12.37 6.21
N LEU A 406 -19.95 -12.66 7.32
CA LEU A 406 -20.51 -13.48 8.38
C LEU A 406 -21.88 -12.97 8.83
N GLU A 407 -22.07 -11.65 8.77
CA GLU A 407 -23.32 -11.06 9.22
C GLU A 407 -24.43 -11.09 8.17
N HIS A 408 -24.19 -11.78 7.07
CA HIS A 408 -25.24 -12.01 6.07
C HIS A 408 -26.21 -13.07 6.59
N VAL A 409 -25.80 -13.82 7.61
CA VAL A 409 -26.69 -14.78 8.24
C VAL A 409 -27.66 -14.07 9.18
#